data_3G1T
#
_entry.id   3G1T
#
_cell.length_a   48.400
_cell.length_b   48.400
_cell.length_c   380.900
_cell.angle_alpha   90.000
_cell.angle_beta   90.000
_cell.angle_gamma   120.000
#
_symmetry.space_group_name_H-M   'P 65 2 2'
#
loop_
_entity.id
_entity.type
_entity.pdbx_description
1 polymer 'short chain dehydrogenase'
2 non-polymer 'MAGNESIUM ION'
3 water water
#
_entity_poly.entity_id   1
_entity_poly.type   'polypeptide(L)'
_entity_poly.pdbx_seq_one_letter_code
;MSLHYQPKQDLLQNRIILVTGASDGIGREAALTYARYGATVILLGRNEEKLRRVAQHIADEQHVQPQWFTLDLLTCTAEE
CRQVADRIAAHYPRLDGVLHNAGLLGEIGPMSEQDPQIWQDVMQVNVNATFMLTQALLPLLLKSDAGSLVFTSSSVGRQG
RANWGAYATSKFATEGMMQVLADEYQNRSLRVNCINPGGTRTSMRASAFPTEDPQKLKTPADIMPLYLWLMGDDSRRKTG
MTFDAQPGRKEGHHHHHH
;
_entity_poly.pdbx_strand_id   A
#
loop_
_chem_comp.id
_chem_comp.type
_chem_comp.name
_chem_comp.formula
MG non-polymer 'MAGNESIUM ION' 'Mg 2'
#
# COMPACT_ATOMS: atom_id res chain seq x y z
N TYR A 5 8.91 14.80 -11.00
CA TYR A 5 8.30 13.78 -11.94
C TYR A 5 6.95 14.17 -12.44
N GLN A 6 6.88 14.39 -13.75
CA GLN A 6 5.66 14.82 -14.45
C GLN A 6 5.40 13.97 -15.69
N PRO A 7 4.89 12.73 -15.49
CA PRO A 7 4.61 11.79 -16.58
C PRO A 7 3.38 12.18 -17.37
N LYS A 8 3.31 11.67 -18.58
CA LYS A 8 2.09 11.71 -19.38
C LYS A 8 0.85 11.14 -18.67
N GLN A 9 -0.32 11.66 -19.07
CA GLN A 9 -1.57 11.36 -18.44
C GLN A 9 -2.00 9.93 -18.65
N ASP A 10 -1.36 9.23 -19.62
CA ASP A 10 -1.69 7.84 -19.85
C ASP A 10 -0.55 6.92 -19.44
N LEU A 11 0.29 7.40 -18.51
CA LEU A 11 1.32 6.47 -17.91
C LEU A 11 0.81 5.08 -17.55
N LEU A 12 -0.37 5.00 -16.88
CA LEU A 12 -0.84 3.71 -16.32
C LEU A 12 -1.99 3.09 -17.14
N GLN A 13 -2.14 3.57 -18.38
CA GLN A 13 -3.30 3.18 -19.17
C GLN A 13 -3.41 1.69 -19.28
N ASN A 14 -4.56 1.15 -18.91
CA ASN A 14 -4.86 -0.29 -18.88
C ASN A 14 -4.10 -1.13 -17.88
N ARG A 15 -3.37 -0.50 -16.96
CA ARG A 15 -2.64 -1.32 -15.96
C ARG A 15 -3.58 -1.58 -14.80
N ILE A 16 -3.60 -2.81 -14.34
CA ILE A 16 -4.64 -3.25 -13.35
C ILE A 16 -3.95 -3.20 -11.97
N ILE A 17 -4.38 -2.33 -11.04
CA ILE A 17 -3.60 -2.14 -9.81
C ILE A 17 -4.51 -2.22 -8.64
N LEU A 18 -4.14 -3.11 -7.72
CA LEU A 18 -4.85 -3.32 -6.49
C LEU A 18 -4.31 -2.33 -5.42
N VAL A 19 -5.22 -1.59 -4.73
CA VAL A 19 -4.75 -0.58 -3.74
C VAL A 19 -5.39 -0.88 -2.41
N THR A 20 -4.60 -1.25 -1.39
CA THR A 20 -5.16 -1.59 -0.07
C THR A 20 -5.26 -0.30 0.79
N GLY A 21 -6.02 -0.36 1.86
CA GLY A 21 -6.23 0.87 2.68
C GLY A 21 -6.89 1.97 1.84
N ALA A 22 -7.75 1.59 0.88
CA ALA A 22 -8.19 2.58 -0.12
C ALA A 22 -9.31 3.52 0.32
N SER A 23 -9.79 3.35 1.56
CA SER A 23 -10.96 4.07 2.03
C SER A 23 -10.72 5.54 2.32
N ASP A 24 -9.52 5.88 2.73
CA ASP A 24 -9.19 7.25 3.02
C ASP A 24 -7.69 7.45 2.95
N GLY A 25 -7.26 8.68 3.20
CA GLY A 25 -5.85 8.97 3.33
C GLY A 25 -5.05 8.69 2.05
N ILE A 26 -3.84 8.19 2.24
CA ILE A 26 -2.90 8.04 1.14
C ILE A 26 -3.43 6.96 0.17
N GLY A 27 -4.06 5.93 0.75
CA GLY A 27 -4.68 4.81 -0.07
C GLY A 27 -5.78 5.29 -0.99
N ARG A 28 -6.72 6.05 -0.46
CA ARG A 28 -7.73 6.69 -1.32
C ARG A 28 -7.13 7.63 -2.40
N GLU A 29 -6.14 8.47 -2.00
CA GLU A 29 -5.41 9.33 -2.94
C GLU A 29 -4.76 8.56 -4.06
N ALA A 30 -4.07 7.48 -3.72
CA ALA A 30 -3.40 6.71 -4.77
C ALA A 30 -4.43 6.04 -5.70
N ALA A 31 -5.52 5.54 -5.15
CA ALA A 31 -6.60 4.95 -6.02
C ALA A 31 -7.15 6.00 -7.04
N LEU A 32 -7.54 7.17 -6.55
CA LEU A 32 -7.91 8.29 -7.42
C LEU A 32 -6.89 8.68 -8.46
N THR A 33 -5.63 8.88 -8.01
CA THR A 33 -4.53 9.30 -8.85
C THR A 33 -4.20 8.21 -9.90
N TYR A 34 -4.11 6.98 -9.45
CA TYR A 34 -3.89 5.87 -10.45
C TYR A 34 -4.98 5.79 -11.53
N ALA A 35 -6.26 5.91 -11.12
CA ALA A 35 -7.39 5.98 -12.08
C ALA A 35 -7.24 7.19 -13.03
N ARG A 36 -6.85 8.35 -12.50
CA ARG A 36 -6.62 9.53 -13.34
C ARG A 36 -5.50 9.41 -14.36
N TYR A 37 -4.50 8.56 -14.08
CA TYR A 37 -3.45 8.25 -15.07
C TYR A 37 -3.78 6.98 -15.85
N GLY A 38 -5.05 6.59 -15.97
CA GLY A 38 -5.47 5.48 -16.89
C GLY A 38 -5.52 4.09 -16.35
N ALA A 39 -5.16 3.92 -15.05
CA ALA A 39 -5.28 2.57 -14.41
C ALA A 39 -6.64 1.99 -14.27
N THR A 40 -6.72 0.65 -14.29
CA THR A 40 -7.92 -0.04 -13.84
C THR A 40 -7.67 -0.40 -12.35
N VAL A 41 -8.34 0.33 -11.45
CA VAL A 41 -7.97 0.26 -10.03
C VAL A 41 -8.95 -0.70 -9.39
N ILE A 42 -8.45 -1.48 -8.45
CA ILE A 42 -9.21 -2.39 -7.60
C ILE A 42 -8.90 -1.91 -6.20
N LEU A 43 -10.00 -1.71 -5.44
CA LEU A 43 -9.89 -1.15 -4.09
C LEU A 43 -10.05 -2.25 -3.08
N LEU A 44 -9.22 -2.25 -2.04
CA LEU A 44 -9.44 -3.10 -0.89
C LEU A 44 -9.42 -2.32 0.41
N GLY A 45 -10.37 -2.69 1.27
CA GLY A 45 -10.49 -2.04 2.58
C GLY A 45 -11.40 -2.77 3.53
N ARG A 46 -11.55 -2.17 4.71
CA ARG A 46 -12.35 -2.68 5.86
C ARG A 46 -13.84 -2.45 5.66
N ASN A 47 -14.21 -1.18 5.47
CA ASN A 47 -15.64 -0.81 5.32
C ASN A 47 -16.28 -0.74 3.93
N GLU A 48 -17.24 -1.61 3.68
CA GLU A 48 -17.95 -1.64 2.43
C GLU A 48 -18.48 -0.28 1.91
N GLU A 49 -19.25 0.46 2.72
CA GLU A 49 -19.82 1.75 2.26
C GLU A 49 -18.75 2.83 1.97
N LYS A 50 -17.67 2.84 2.77
CA LYS A 50 -16.54 3.79 2.56
C LYS A 50 -15.81 3.50 1.21
N LEU A 51 -15.68 2.20 0.88
CA LEU A 51 -15.13 1.76 -0.41
C LEU A 51 -16.04 2.12 -1.52
N ARG A 52 -17.34 1.95 -1.32
CA ARG A 52 -18.29 2.24 -2.37
C ARG A 52 -18.08 3.72 -2.71
N ARG A 53 -17.85 4.55 -1.70
CA ARG A 53 -17.78 6.03 -1.91
C ARG A 53 -16.57 6.39 -2.76
N VAL A 54 -15.46 5.72 -2.51
CA VAL A 54 -14.26 6.03 -3.28
C VAL A 54 -14.45 5.52 -4.70
N ALA A 55 -14.98 4.32 -4.80
CA ALA A 55 -15.20 3.76 -6.15
C ALA A 55 -16.17 4.64 -6.96
N GLN A 56 -17.19 5.21 -6.30
CA GLN A 56 -18.19 6.07 -6.96
C GLN A 56 -17.54 7.39 -7.43
N HIS A 57 -16.60 7.89 -6.65
CA HIS A 57 -15.87 9.10 -6.99
C HIS A 57 -15.07 8.81 -8.28
N ILE A 58 -14.39 7.65 -8.36
CA ILE A 58 -13.59 7.31 -9.55
C ILE A 58 -14.58 7.14 -10.73
N ALA A 59 -15.71 6.46 -10.49
CA ALA A 59 -16.75 6.25 -11.54
C ALA A 59 -17.27 7.57 -12.06
N ASP A 60 -17.53 8.49 -11.14
CA ASP A 60 -17.93 9.88 -11.53
C ASP A 60 -16.91 10.60 -12.41
N GLU A 61 -15.64 10.25 -12.26
CA GLU A 61 -14.61 10.86 -13.08
C GLU A 61 -14.20 10.02 -14.33
N GLN A 62 -14.14 8.68 -14.24
CA GLN A 62 -13.63 7.80 -15.32
C GLN A 62 -14.72 7.12 -16.13
N HIS A 63 -15.92 7.05 -15.53
CA HIS A 63 -17.16 6.50 -16.10
C HIS A 63 -17.27 4.96 -16.13
N VAL A 64 -16.34 4.27 -15.45
CA VAL A 64 -16.42 2.81 -15.18
C VAL A 64 -16.18 2.61 -13.68
N GLN A 65 -17.12 1.95 -12.97
CA GLN A 65 -16.98 1.76 -11.53
C GLN A 65 -15.98 0.64 -11.17
N PRO A 66 -14.91 1.00 -10.40
CA PRO A 66 -13.88 0.05 -9.89
C PRO A 66 -14.48 -1.01 -9.08
N GLN A 67 -13.88 -2.19 -9.13
CA GLN A 67 -14.27 -3.23 -8.22
C GLN A 67 -13.61 -3.04 -6.87
N TRP A 68 -14.30 -3.43 -5.83
CA TRP A 68 -13.76 -3.35 -4.49
CA TRP A 68 -13.72 -3.38 -4.51
C TRP A 68 -13.95 -4.66 -3.76
N PHE A 69 -13.19 -4.84 -2.71
CA PHE A 69 -13.28 -6.01 -1.86
C PHE A 69 -13.17 -5.57 -0.47
N THR A 70 -14.01 -6.12 0.39
CA THR A 70 -13.83 -5.85 1.81
C THR A 70 -12.94 -6.99 2.33
N LEU A 71 -11.87 -6.63 3.05
CA LEU A 71 -10.97 -7.61 3.73
C LEU A 71 -10.47 -6.96 4.99
N ASP A 72 -10.64 -7.67 6.11
CA ASP A 72 -10.16 -7.16 7.40
C ASP A 72 -8.85 -7.86 7.70
N LEU A 73 -7.75 -7.12 7.59
CA LEU A 73 -6.40 -7.70 7.66
C LEU A 73 -6.13 -8.22 9.06
N LEU A 74 -6.78 -7.59 10.04
CA LEU A 74 -6.63 -8.05 11.45
C LEU A 74 -7.09 -9.46 11.67
N THR A 75 -8.14 -9.86 10.97
CA THR A 75 -8.80 -11.14 11.25
C THR A 75 -8.73 -12.12 10.08
N CYS A 76 -8.22 -11.67 8.93
CA CYS A 76 -8.29 -12.52 7.74
C CYS A 76 -7.39 -13.76 7.81
N THR A 77 -7.87 -14.82 7.15
CA THR A 77 -7.18 -16.09 7.02
C THR A 77 -6.49 -16.19 5.67
N ALA A 78 -5.50 -17.07 5.57
CA ALA A 78 -4.91 -17.42 4.27
C ALA A 78 -6.00 -17.72 3.19
N GLU A 79 -6.99 -18.54 3.54
CA GLU A 79 -8.11 -18.89 2.61
C GLU A 79 -8.93 -17.67 2.19
N GLU A 80 -9.20 -16.76 3.11
CA GLU A 80 -9.84 -15.45 2.71
C GLU A 80 -9.01 -14.61 1.72
N CYS A 81 -7.70 -14.58 1.92
CA CYS A 81 -6.78 -13.92 0.96
C CYS A 81 -6.83 -14.63 -0.40
N ARG A 82 -6.84 -15.98 -0.39
CA ARG A 82 -6.94 -16.77 -1.63
C ARG A 82 -8.31 -16.49 -2.35
N GLN A 83 -9.38 -16.27 -1.58
CA GLN A 83 -10.70 -15.93 -2.16
C GLN A 83 -10.68 -14.64 -2.92
N VAL A 84 -9.96 -13.64 -2.41
CA VAL A 84 -9.77 -12.38 -3.12
C VAL A 84 -9.02 -12.57 -4.42
N ALA A 85 -7.93 -13.35 -4.39
CA ALA A 85 -7.12 -13.58 -5.54
C ALA A 85 -7.94 -14.30 -6.60
N ASP A 86 -8.74 -15.25 -6.15
CA ASP A 86 -9.68 -16.00 -7.03
C ASP A 86 -10.72 -15.06 -7.62
N ARG A 87 -11.23 -14.14 -6.81
CA ARG A 87 -12.19 -13.19 -7.38
C ARG A 87 -11.61 -12.18 -8.34
N ILE A 88 -10.35 -11.76 -8.11
CA ILE A 88 -9.68 -10.91 -9.08
C ILE A 88 -9.40 -11.72 -10.33
N ALA A 89 -8.92 -12.96 -10.18
CA ALA A 89 -8.55 -13.81 -11.35
C ALA A 89 -9.76 -14.07 -12.29
N ALA A 90 -10.96 -13.96 -11.73
CA ALA A 90 -12.19 -14.26 -12.49
C ALA A 90 -12.60 -13.07 -13.35
N HIS A 91 -12.18 -11.87 -12.95
CA HIS A 91 -12.51 -10.65 -13.68
C HIS A 91 -11.36 -10.07 -14.52
N TYR A 92 -10.10 -10.46 -14.20
CA TYR A 92 -8.91 -9.86 -14.81
C TYR A 92 -7.83 -10.86 -15.14
N PRO A 93 -7.04 -10.61 -16.22
CA PRO A 93 -6.01 -11.59 -16.59
C PRO A 93 -4.67 -11.48 -15.84
N ARG A 94 -4.54 -10.44 -15.03
CA ARG A 94 -3.24 -10.11 -14.47
C ARG A 94 -3.47 -9.04 -13.36
N LEU A 95 -2.48 -8.91 -12.49
CA LEU A 95 -2.31 -7.66 -11.78
C LEU A 95 -1.02 -7.02 -12.29
N ASP A 96 -1.11 -5.78 -12.67
CA ASP A 96 0.08 -4.98 -12.93
C ASP A 96 0.72 -4.33 -11.70
N GLY A 97 -0.05 -4.19 -10.61
CA GLY A 97 0.54 -3.53 -9.42
C GLY A 97 -0.30 -3.93 -8.25
N VAL A 98 0.38 -3.87 -7.11
CA VAL A 98 -0.22 -4.02 -5.73
C VAL A 98 0.46 -3.02 -4.86
N LEU A 99 -0.35 -2.08 -4.31
CA LEU A 99 0.17 -1.08 -3.39
C LEU A 99 -0.46 -1.41 -2.06
N HIS A 100 0.40 -1.71 -1.10
CA HIS A 100 -0.08 -2.01 0.27
C HIS A 100 0.03 -0.72 1.03
N ASN A 101 -1.11 -0.11 1.33
CA ASN A 101 -1.11 1.08 2.17
C ASN A 101 -1.74 0.78 3.53
N ALA A 102 -2.56 -0.27 3.64
CA ALA A 102 -3.13 -0.61 4.96
C ALA A 102 -2.09 -0.79 6.05
N GLY A 103 -2.41 -0.35 7.26
CA GLY A 103 -1.43 -0.46 8.34
C GLY A 103 -2.16 -0.10 9.61
N LEU A 104 -1.69 -0.63 10.71
CA LEU A 104 -2.16 -0.25 12.03
C LEU A 104 -0.98 0.47 12.76
N LEU A 105 -1.28 1.62 13.39
CA LEU A 105 -0.24 2.26 14.20
C LEU A 105 0.04 1.60 15.57
N GLY A 106 -1.04 1.11 16.19
CA GLY A 106 -1.01 0.61 17.56
C GLY A 106 -0.64 1.76 18.51
N GLU A 107 0.09 1.39 19.56
CA GLU A 107 0.30 2.29 20.68
C GLU A 107 1.61 3.05 20.53
N ILE A 108 1.56 4.35 20.78
CA ILE A 108 2.83 5.08 20.84
C ILE A 108 3.18 5.28 22.33
N GLY A 109 4.35 4.83 22.77
CA GLY A 109 4.69 4.87 24.21
C GLY A 109 5.84 3.92 24.42
N PRO A 110 6.36 3.87 25.64
CA PRO A 110 7.63 3.11 25.91
C PRO A 110 7.43 1.61 25.95
N MET A 111 8.49 0.89 25.58
CA MET A 111 8.47 -0.55 25.55
C MET A 111 8.06 -1.12 26.90
N SER A 112 8.38 -0.42 28.00
CA SER A 112 7.96 -0.91 29.35
C SER A 112 6.43 -1.01 29.49
N GLU A 113 5.73 -0.23 28.68
CA GLU A 113 4.25 -0.08 28.72
C GLU A 113 3.51 -0.66 27.54
N GLN A 114 4.18 -1.01 26.43
CA GLN A 114 3.40 -1.44 25.26
C GLN A 114 2.43 -2.57 25.57
N ASP A 115 1.15 -2.38 25.21
CA ASP A 115 0.16 -3.43 25.45
C ASP A 115 0.46 -4.67 24.58
N PRO A 116 0.58 -5.87 25.20
CA PRO A 116 0.91 -7.06 24.35
C PRO A 116 -0.09 -7.41 23.24
N GLN A 117 -1.37 -7.26 23.53
CA GLN A 117 -2.41 -7.58 22.56
C GLN A 117 -2.35 -6.60 21.40
N ILE A 118 -2.23 -5.30 21.69
CA ILE A 118 -2.15 -4.31 20.59
C ILE A 118 -0.91 -4.59 19.74
N TRP A 119 0.17 -4.97 20.44
CA TRP A 119 1.45 -5.25 19.79
C TRP A 119 1.26 -6.42 18.77
N GLN A 120 0.59 -7.49 19.20
CA GLN A 120 0.25 -8.62 18.32
C GLN A 120 -0.64 -8.19 17.17
N ASP A 121 -1.60 -7.30 17.42
CA ASP A 121 -2.50 -6.82 16.33
C ASP A 121 -1.73 -6.08 15.25
N VAL A 122 -0.77 -5.24 15.68
CA VAL A 122 0.08 -4.46 14.75
C VAL A 122 0.85 -5.44 13.88
N MET A 123 1.41 -6.48 14.51
CA MET A 123 2.21 -7.46 13.75
C MET A 123 1.29 -8.18 12.75
N GLN A 124 0.09 -8.51 13.19
CA GLN A 124 -0.84 -9.28 12.36
C GLN A 124 -1.25 -8.48 11.14
N VAL A 125 -1.52 -7.18 11.29
CA VAL A 125 -1.97 -6.40 10.13
C VAL A 125 -0.74 -6.11 9.24
N ASN A 126 0.31 -5.55 9.87
CA ASN A 126 1.36 -4.90 9.09
C ASN A 126 2.29 -5.95 8.50
N VAL A 127 2.41 -7.08 9.21
CA VAL A 127 3.31 -8.10 8.68
C VAL A 127 2.60 -9.38 8.20
N ASN A 128 1.88 -10.05 9.06
CA ASN A 128 1.42 -11.40 8.64
C ASN A 128 0.31 -11.40 7.61
N ALA A 129 -0.68 -10.51 7.77
CA ALA A 129 -1.74 -10.45 6.78
C ALA A 129 -1.28 -9.79 5.48
N THR A 130 -0.35 -8.85 5.55
CA THR A 130 0.16 -8.21 4.38
C THR A 130 0.96 -9.29 3.60
N PHE A 131 1.72 -10.12 4.32
CA PHE A 131 2.34 -11.30 3.70
C PHE A 131 1.35 -12.27 3.06
N MET A 132 0.34 -12.68 3.81
CA MET A 132 -0.65 -13.64 3.30
C MET A 132 -1.34 -13.15 2.02
N LEU A 133 -1.82 -11.90 2.06
CA LEU A 133 -2.38 -11.22 0.85
C LEU A 133 -1.39 -11.17 -0.32
N THR A 134 -0.16 -10.77 -0.05
CA THR A 134 0.89 -10.79 -1.07
C THR A 134 1.07 -12.17 -1.73
N GLN A 135 1.18 -13.19 -0.89
CA GLN A 135 1.44 -14.53 -1.42
C GLN A 135 0.34 -14.97 -2.33
N ALA A 136 -0.92 -14.65 -1.95
CA ALA A 136 -2.06 -15.07 -2.77
C ALA A 136 -2.15 -14.40 -4.15
N LEU A 137 -1.58 -13.18 -4.27
CA LEU A 137 -1.53 -12.35 -5.47
C LEU A 137 -0.27 -12.49 -6.32
N LEU A 138 0.71 -13.28 -5.87
CA LEU A 138 1.96 -13.39 -6.70
C LEU A 138 1.73 -14.01 -8.09
N PRO A 139 0.85 -15.06 -8.20
CA PRO A 139 0.63 -15.56 -9.58
C PRO A 139 0.06 -14.51 -10.57
N LEU A 140 -0.87 -13.67 -10.09
CA LEU A 140 -1.46 -12.65 -10.92
C LEU A 140 -0.46 -11.57 -11.23
N LEU A 141 0.42 -11.29 -10.28
CA LEU A 141 1.45 -10.31 -10.52
C LEU A 141 2.45 -10.75 -11.56
N LEU A 142 2.73 -12.07 -11.56
CA LEU A 142 3.67 -12.60 -12.58
C LEU A 142 3.13 -12.65 -14.01
N LYS A 143 1.81 -12.53 -14.16
CA LYS A 143 1.20 -12.38 -15.48
C LYS A 143 1.42 -11.00 -16.11
N SER A 144 1.83 -9.99 -15.31
CA SER A 144 2.15 -8.65 -15.85
C SER A 144 3.44 -8.64 -16.73
N ASP A 145 3.52 -7.75 -17.74
CA ASP A 145 4.79 -7.59 -18.52
C ASP A 145 5.85 -6.87 -17.66
N ALA A 146 5.41 -6.20 -16.60
CA ALA A 146 6.32 -5.52 -15.70
C ALA A 146 5.57 -5.20 -14.37
N GLY A 147 5.40 -6.23 -13.56
CA GLY A 147 4.55 -6.11 -12.33
C GLY A 147 5.30 -5.28 -11.29
N SER A 148 4.54 -4.58 -10.43
CA SER A 148 5.22 -3.71 -9.38
C SER A 148 4.45 -3.89 -8.05
N LEU A 149 5.15 -4.36 -7.03
CA LEU A 149 4.57 -4.65 -5.68
C LEU A 149 5.27 -3.62 -4.73
N VAL A 150 4.44 -2.86 -4.03
CA VAL A 150 4.95 -1.77 -3.25
C VAL A 150 4.44 -1.96 -1.83
N PHE A 151 5.36 -1.86 -0.85
CA PHE A 151 4.97 -1.86 0.58
C PHE A 151 5.12 -0.48 1.16
N THR A 152 4.36 -0.22 2.25
CA THR A 152 4.49 1.07 2.99
C THR A 152 5.44 0.89 4.17
N SER A 153 6.47 1.71 4.17
CA SER A 153 7.44 1.77 5.28
C SER A 153 7.32 3.11 6.05
N SER A 154 8.35 3.39 6.84
CA SER A 154 8.37 4.59 7.73
C SER A 154 9.82 4.93 8.03
N SER A 155 10.15 6.17 8.41
CA SER A 155 11.53 6.42 8.84
C SER A 155 11.89 5.50 10.02
N VAL A 156 10.91 5.13 10.83
CA VAL A 156 11.18 4.21 11.97
C VAL A 156 11.28 2.75 11.59
N GLY A 157 11.12 2.46 10.28
CA GLY A 157 11.53 1.15 9.69
C GLY A 157 12.95 1.02 9.23
N ARG A 158 13.72 2.09 9.34
CA ARG A 158 15.15 2.19 8.91
C ARG A 158 15.98 2.48 10.14
N GLN A 159 15.42 3.26 11.08
CA GLN A 159 16.14 3.55 12.32
C GLN A 159 15.12 3.60 13.44
N GLY A 160 15.20 2.68 14.37
CA GLY A 160 14.27 2.62 15.45
C GLY A 160 14.43 3.84 16.38
N ARG A 161 13.29 4.24 16.94
CA ARG A 161 13.21 5.40 17.85
C ARG A 161 12.29 5.12 19.03
N ALA A 162 12.64 5.70 20.18
CA ALA A 162 11.84 5.65 21.38
C ALA A 162 10.38 5.86 21.05
N ASN A 163 9.57 5.04 21.73
CA ASN A 163 8.11 5.08 21.74
C ASN A 163 7.46 4.57 20.49
N TRP A 164 8.23 4.09 19.48
CA TRP A 164 7.61 3.61 18.27
C TRP A 164 7.29 2.09 18.27
N GLY A 165 7.72 1.41 19.33
CA GLY A 165 7.20 0.05 19.71
C GLY A 165 6.85 -0.91 18.57
N ALA A 166 5.61 -1.43 18.58
CA ALA A 166 5.18 -2.39 17.57
C ALA A 166 5.26 -1.83 16.15
N TYR A 167 4.88 -0.58 15.97
CA TYR A 167 4.92 0.02 14.62
C TYR A 167 6.33 -0.08 13.99
N ALA A 168 7.35 0.48 14.68
CA ALA A 168 8.75 0.47 14.18
C ALA A 168 9.20 -0.99 13.88
N THR A 169 8.97 -1.89 14.85
CA THR A 169 9.28 -3.34 14.73
C THR A 169 8.65 -3.84 13.44
N SER A 170 7.36 -3.55 13.24
CA SER A 170 6.62 -4.07 12.04
C SER A 170 7.09 -3.45 10.72
N LYS A 171 7.60 -2.18 10.76
CA LYS A 171 8.14 -1.59 9.56
C LYS A 171 9.58 -2.10 9.23
N PHE A 172 10.38 -2.37 10.25
CA PHE A 172 11.64 -3.11 9.99
C PHE A 172 11.26 -4.44 9.34
N ALA A 173 10.25 -5.14 9.87
CA ALA A 173 9.86 -6.47 9.29
C ALA A 173 9.41 -6.29 7.83
N THR A 174 8.72 -5.17 7.58
CA THR A 174 8.25 -4.91 6.22
C THR A 174 9.45 -4.70 5.25
N GLU A 175 10.49 -3.94 5.66
CA GLU A 175 11.76 -3.83 4.81
C GLU A 175 12.41 -5.20 4.53
N GLY A 176 12.56 -6.00 5.56
CA GLY A 176 13.06 -7.36 5.39
C GLY A 176 12.26 -8.21 4.39
N MET A 177 10.95 -8.19 4.56
CA MET A 177 10.10 -9.06 3.73
C MET A 177 10.12 -8.52 2.29
N MET A 178 10.13 -7.19 2.13
CA MET A 178 10.30 -6.60 0.80
C MET A 178 11.66 -7.01 0.16
N GLN A 179 12.76 -7.01 0.95
CA GLN A 179 14.11 -7.43 0.41
C GLN A 179 14.15 -8.88 0.03
N VAL A 180 13.48 -9.76 0.78
CA VAL A 180 13.40 -11.24 0.40
C VAL A 180 12.70 -11.36 -0.96
N LEU A 181 11.50 -10.75 -1.06
CA LEU A 181 10.70 -10.81 -2.28
C LEU A 181 11.47 -10.23 -3.49
N ALA A 182 12.12 -9.08 -3.26
CA ALA A 182 12.81 -8.41 -4.36
C ALA A 182 13.92 -9.34 -4.82
N ASP A 183 14.67 -9.93 -3.87
CA ASP A 183 15.76 -10.93 -4.29
C ASP A 183 15.20 -12.12 -5.02
N GLU A 184 14.05 -12.61 -4.65
CA GLU A 184 13.50 -13.78 -5.32
C GLU A 184 13.02 -13.53 -6.74
N TYR A 185 12.70 -12.26 -7.05
CA TYR A 185 12.11 -11.89 -8.36
C TYR A 185 13.11 -11.08 -9.19
N GLN A 186 14.32 -10.91 -8.71
CA GLN A 186 15.21 -9.89 -9.25
C GLN A 186 15.43 -10.01 -10.76
N ASN A 187 15.60 -11.23 -11.32
CA ASN A 187 15.82 -11.31 -12.76
C ASN A 187 14.53 -11.65 -13.55
N ARG A 188 13.36 -11.48 -12.88
CA ARG A 188 12.07 -11.76 -13.49
C ARG A 188 11.27 -10.44 -13.62
N SER A 189 10.01 -10.58 -13.98
CA SER A 189 9.23 -9.44 -14.51
C SER A 189 8.62 -8.60 -13.37
N LEU A 190 8.80 -9.07 -12.15
CA LEU A 190 8.23 -8.41 -10.92
C LEU A 190 9.27 -7.66 -10.15
N ARG A 191 9.05 -6.33 -9.97
CA ARG A 191 9.88 -5.56 -9.09
C ARG A 191 9.17 -5.24 -7.77
N VAL A 192 9.98 -5.09 -6.73
CA VAL A 192 9.33 -5.03 -5.33
C VAL A 192 10.05 -3.97 -4.57
N ASN A 193 9.34 -3.02 -3.93
CA ASN A 193 10.07 -1.90 -3.32
C ASN A 193 9.23 -1.35 -2.19
N CYS A 194 9.84 -0.54 -1.33
CA CYS A 194 9.02 0.20 -0.32
C CYS A 194 8.92 1.69 -0.56
N ILE A 195 7.82 2.28 -0.07
CA ILE A 195 7.68 3.76 0.02
C ILE A 195 7.47 4.22 1.48
N ASN A 196 8.28 5.21 1.89
CA ASN A 196 8.08 5.93 3.18
C ASN A 196 7.38 7.26 2.87
N PRO A 197 6.08 7.39 3.22
CA PRO A 197 5.45 8.64 2.79
C PRO A 197 6.04 9.86 3.49
N GLY A 198 6.74 9.68 4.62
CA GLY A 198 7.20 10.85 5.43
C GLY A 198 5.98 11.42 6.12
N GLY A 199 6.22 12.46 6.90
CA GLY A 199 5.10 13.12 7.60
C GLY A 199 4.05 13.72 6.64
N THR A 200 2.84 13.15 6.65
CA THR A 200 1.83 13.57 5.66
C THR A 200 0.57 13.82 6.42
N ARG A 201 -0.30 14.66 5.87
CA ARG A 201 -1.55 15.05 6.53
C ARG A 201 -2.55 13.91 6.48
N THR A 202 -2.49 13.05 7.51
CA THR A 202 -3.39 11.91 7.70
C THR A 202 -3.87 11.75 9.16
N SER A 203 -4.94 11.01 9.37
CA SER A 203 -5.39 10.78 10.72
C SER A 203 -4.34 9.99 11.54
N MET A 204 -3.62 9.03 10.91
CA MET A 204 -2.54 8.29 11.61
C MET A 204 -1.41 9.19 12.18
N ARG A 205 -1.01 10.18 11.37
CA ARG A 205 0.02 11.11 11.72
C ARG A 205 -0.47 11.97 12.88
N ALA A 206 -1.70 12.43 12.77
CA ALA A 206 -2.22 13.30 13.83
C ALA A 206 -2.37 12.56 15.17
N SER A 207 -2.57 11.24 15.11
CA SER A 207 -2.79 10.46 16.32
C SER A 207 -1.44 10.35 17.04
N ALA A 208 -0.40 10.09 16.26
CA ALA A 208 0.93 10.01 16.80
C ALA A 208 1.46 11.38 17.30
N PHE A 209 1.12 12.47 16.58
CA PHE A 209 1.67 13.82 16.92
C PHE A 209 0.46 14.77 17.11
N PRO A 210 -0.23 14.63 18.24
CA PRO A 210 -1.44 15.51 18.47
C PRO A 210 -1.20 17.04 18.54
N THR A 211 0.02 17.43 18.89
CA THR A 211 0.35 18.88 18.95
C THR A 211 0.65 19.47 17.59
N GLU A 212 1.10 18.65 16.63
CA GLU A 212 1.63 19.18 15.38
C GLU A 212 0.52 19.87 14.54
N ASP A 213 0.90 20.88 13.81
CA ASP A 213 -0.07 21.54 12.97
C ASP A 213 -0.10 20.83 11.65
N PRO A 214 -1.21 20.10 11.35
CA PRO A 214 -1.22 19.27 10.13
C PRO A 214 -1.25 20.12 8.88
N GLN A 215 -1.55 21.42 9.05
CA GLN A 215 -1.65 22.28 7.89
C GLN A 215 -0.31 22.74 7.38
N LYS A 216 0.76 22.43 8.16
CA LYS A 216 2.12 22.65 7.75
C LYS A 216 2.71 21.41 7.06
N LEU A 217 1.94 20.34 7.00
CA LEU A 217 2.40 19.10 6.34
C LEU A 217 1.95 19.04 4.85
N LYS A 218 2.72 18.33 4.02
CA LYS A 218 2.28 17.98 2.69
C LYS A 218 1.05 17.07 2.82
N THR A 219 0.16 17.17 1.83
CA THR A 219 -1.01 16.32 1.75
C THR A 219 -0.64 15.05 0.97
N PRO A 220 -1.52 14.04 1.04
CA PRO A 220 -1.38 12.85 0.17
C PRO A 220 -1.28 13.22 -1.30
N ALA A 221 -2.02 14.23 -1.77
CA ALA A 221 -1.83 14.69 -3.14
C ALA A 221 -0.44 15.12 -3.49
N ASP A 222 0.20 15.89 -2.59
CA ASP A 222 1.56 16.37 -2.79
C ASP A 222 2.59 15.28 -3.00
N ILE A 223 2.42 14.13 -2.35
CA ILE A 223 3.43 13.09 -2.40
C ILE A 223 3.22 12.06 -3.50
N MET A 224 2.21 12.30 -4.34
CA MET A 224 1.86 11.27 -5.40
C MET A 224 2.93 10.96 -6.47
N PRO A 225 3.85 11.91 -6.79
CA PRO A 225 4.77 11.61 -7.92
C PRO A 225 5.53 10.28 -7.70
N LEU A 226 5.98 10.03 -6.49
CA LEU A 226 6.67 8.80 -6.24
C LEU A 226 5.76 7.58 -6.40
N TYR A 227 4.51 7.63 -5.91
CA TYR A 227 3.53 6.59 -6.09
C TYR A 227 3.21 6.25 -7.51
N LEU A 228 3.12 7.28 -8.36
CA LEU A 228 2.97 7.12 -9.80
C LEU A 228 4.26 6.52 -10.41
N TRP A 229 5.43 7.06 -10.05
CA TRP A 229 6.71 6.58 -10.64
C TRP A 229 6.91 5.07 -10.41
N LEU A 230 6.64 4.59 -9.20
CA LEU A 230 6.82 3.13 -8.95
CA LEU A 230 6.80 3.13 -8.90
C LEU A 230 5.86 2.22 -9.68
N MET A 231 4.67 2.72 -10.13
CA MET A 231 3.75 1.81 -10.85
C MET A 231 3.98 1.83 -12.38
N GLY A 232 4.63 2.89 -12.87
CA GLY A 232 4.92 3.17 -14.32
C GLY A 232 6.23 2.56 -14.77
N ASP A 233 6.37 2.53 -16.09
CA ASP A 233 7.53 1.83 -16.61
C ASP A 233 8.85 2.56 -16.34
N ASP A 234 8.84 3.84 -15.90
CA ASP A 234 10.11 4.61 -15.64
C ASP A 234 10.93 4.05 -14.49
N SER A 235 10.27 3.25 -13.67
CA SER A 235 10.94 2.65 -12.47
C SER A 235 11.30 1.16 -12.73
N ARG A 236 11.12 0.71 -13.95
CA ARG A 236 11.13 -0.78 -14.16
C ARG A 236 12.48 -1.41 -13.82
N ARG A 237 13.57 -0.67 -13.83
CA ARG A 237 14.86 -1.29 -13.46
C ARG A 237 15.19 -1.30 -11.95
N LYS A 238 14.24 -0.84 -11.12
CA LYS A 238 14.51 -0.60 -9.69
C LYS A 238 13.72 -1.62 -8.89
N THR A 239 14.46 -2.37 -8.05
CA THR A 239 13.83 -3.35 -7.17
C THR A 239 14.70 -3.48 -5.95
N GLY A 240 14.09 -3.92 -4.87
CA GLY A 240 14.79 -4.06 -3.59
C GLY A 240 15.07 -2.77 -2.84
N MET A 241 14.48 -1.65 -3.25
CA MET A 241 14.88 -0.35 -2.70
CA MET A 241 14.87 -0.34 -2.70
C MET A 241 13.76 0.21 -1.81
N THR A 242 14.13 1.17 -0.96
CA THR A 242 13.13 1.82 -0.13
C THR A 242 13.28 3.33 -0.37
N PHE A 243 12.19 3.98 -0.81
CA PHE A 243 12.19 5.36 -1.26
C PHE A 243 11.48 6.28 -0.32
N ASP A 244 12.07 7.46 -0.12
CA ASP A 244 11.38 8.53 0.65
C ASP A 244 10.62 9.49 -0.26
N ALA A 245 9.33 9.56 -0.04
CA ALA A 245 8.48 10.58 -0.72
C ALA A 245 8.93 12.03 -0.44
N GLN A 246 9.48 12.27 0.74
CA GLN A 246 9.94 13.58 1.12
C GLN A 246 11.34 13.48 1.74
N PRO A 247 12.40 13.53 0.91
CA PRO A 247 13.76 13.32 1.44
C PRO A 247 14.39 14.58 2.10
MG MG B . 4.42 -0.21 -20.73
MG MG C . -6.47 13.60 18.14
#